data_9MDA
#
_entry.id   9MDA
#
_cell.length_a   50.740
_cell.length_b   81.550
_cell.length_c   110.600
_cell.angle_alpha   90.00
_cell.angle_beta   90.00
_cell.angle_gamma   90.00
#
_symmetry.space_group_name_H-M   'P 21 21 21'
#
loop_
_entity.id
_entity.type
_entity.pdbx_description
1 polymer 'MHC class I protein'
2 polymer Beta-2-microglobulin
3 polymer ARG-ALA-ARG-ALA-ARG-ALA-ARG-ALA-ARG-ALA-ARG-ALA-PHE-ALA-GLY-LYS-LYS-TYR-CYS-LEU
4 water water
#
loop_
_entity_poly.entity_id
_entity_poly.type
_entity_poly.pdbx_seq_one_letter_code
_entity_poly.pdbx_strand_id
1 'polypeptide(L)'
;GSHSMRYFDTAMSRPGRGEPRFISVGYVDDTQFVRFDSDAASPREEPRAPWIEQEGPEYWDRNTQIFKTNTQTDRCSLRN
LRGYYNQSEAGSHTLQSMYGCDVGPDGRLLRGHNQYAYDGKDYIALNEDLRSWTAADTAAQITQRKWEAARVAEQDRAYL
EGTCVEWLRRYLENGKDTLERADPPKTHVTHHPISDHEATLRCWALGFYPAEITLTWQRDGEDQTQDTELVETRPAGDRT
FQKWAAVVVPSGEEQRYTCHVQHEGLPKPLTLRWE
;
A
2 'polypeptide(L)'
;IQRTPKIQVYSRHPAENGKSNFLNCYVSGFHPSDIEVDLLKNGERIEKVEHSDLSFSKDWSFYLLYYTEFTPTEKDEYAC
RVNHVTLSQPKIVKWDRDM
;
B
3 'polypeptide(L)' RARARARARARAFAGKKYCL C
#
# COMPACT_ATOMS: atom_id res chain seq x y z
N GLY A 1 10.45 -18.73 -1.74
CA GLY A 1 9.77 -18.22 -0.54
C GLY A 1 8.26 -18.34 -0.68
N SER A 2 7.52 -17.80 0.27
CA SER A 2 6.04 -17.73 0.21
C SER A 2 5.66 -16.53 -0.67
N HIS A 3 4.52 -16.62 -1.36
CA HIS A 3 4.05 -15.49 -2.21
C HIS A 3 2.55 -15.27 -2.06
N SER A 4 2.09 -14.08 -2.44
CA SER A 4 0.66 -13.71 -2.38
C SER A 4 0.24 -13.06 -3.71
N MET A 5 -0.99 -13.29 -4.11
CA MET A 5 -1.67 -12.46 -5.13
C MET A 5 -2.89 -11.82 -4.50
N ARG A 6 -3.02 -10.51 -4.64
CA ARG A 6 -4.15 -9.81 -3.98
C ARG A 6 -4.66 -8.71 -4.91
N TYR A 7 -5.98 -8.58 -5.03
CA TYR A 7 -6.64 -7.44 -5.68
C TYR A 7 -7.20 -6.57 -4.57
N PHE A 8 -6.91 -5.26 -4.66
CA PHE A 8 -7.36 -4.20 -3.73
C PHE A 8 -8.32 -3.30 -4.49
N ASP A 9 -9.60 -3.43 -4.20
CA ASP A 9 -10.67 -2.70 -4.94
C ASP A 9 -11.30 -1.61 -4.02
N THR A 10 -11.44 -0.41 -4.56
CA THR A 10 -12.07 0.75 -3.91
C THR A 10 -13.26 1.19 -4.76
N ALA A 11 -14.45 1.31 -4.19
CA ALA A 11 -15.61 1.97 -4.83
C ALA A 11 -16.06 3.10 -3.93
N MET A 12 -16.23 4.29 -4.49
CA MET A 12 -16.53 5.49 -3.68
C MET A 12 -17.67 6.27 -4.33
N SER A 13 -18.79 6.41 -3.64
CA SER A 13 -19.89 7.26 -4.18
C SER A 13 -19.54 8.75 -4.07
N ARG A 14 -20.26 9.56 -4.85
CA ARG A 14 -19.99 11.00 -4.98
C ARG A 14 -21.27 11.68 -5.48
N PRO A 15 -22.33 11.71 -4.64
CA PRO A 15 -23.60 12.31 -5.03
C PRO A 15 -23.42 13.70 -5.67
N GLY A 16 -24.01 13.85 -6.84
CA GLY A 16 -23.97 15.09 -7.64
C GLY A 16 -22.77 15.10 -8.59
N ARG A 17 -21.93 14.06 -8.56
CA ARG A 17 -20.67 14.04 -9.36
C ARG A 17 -20.56 12.73 -10.14
N GLY A 18 -21.71 12.19 -10.50
CA GLY A 18 -21.82 10.96 -11.30
C GLY A 18 -21.87 9.70 -10.45
N GLU A 19 -21.71 8.58 -11.15
CA GLU A 19 -21.78 7.24 -10.52
C GLU A 19 -20.50 7.01 -9.74
N PRO A 20 -20.52 6.04 -8.82
CA PRO A 20 -19.35 5.75 -7.99
C PRO A 20 -18.15 5.33 -8.81
N ARG A 21 -17.00 5.91 -8.50
CA ARG A 21 -15.71 5.49 -9.06
C ARG A 21 -15.36 4.08 -8.55
N PHE A 22 -14.88 3.21 -9.42
CA PHE A 22 -14.34 1.87 -9.10
C PHE A 22 -12.90 1.82 -9.53
N ILE A 23 -11.98 1.54 -8.61
CA ILE A 23 -10.59 1.25 -9.00
C ILE A 23 -10.18 -0.10 -8.41
N SER A 24 -9.54 -0.93 -9.23
CA SER A 24 -8.99 -2.23 -8.82
C SER A 24 -7.52 -2.25 -9.17
N VAL A 25 -6.70 -2.63 -8.20
CA VAL A 25 -5.26 -2.84 -8.44
C VAL A 25 -4.86 -4.23 -8.02
N GLY A 26 -4.11 -4.90 -8.88
CA GLY A 26 -3.63 -6.25 -8.55
C GLY A 26 -2.16 -6.25 -8.17
N TYR A 27 -1.79 -7.06 -7.17
CA TYR A 27 -0.39 -7.18 -6.74
C TYR A 27 0.01 -8.63 -6.63
N VAL A 28 1.28 -8.89 -6.98
CA VAL A 28 1.98 -10.12 -6.57
C VAL A 28 2.94 -9.62 -5.50
N ASP A 29 2.81 -10.12 -4.29
CA ASP A 29 3.66 -9.60 -3.19
C ASP A 29 3.57 -8.06 -3.19
N ASP A 30 4.70 -7.33 -3.22
CA ASP A 30 4.69 -5.84 -3.17
C ASP A 30 4.83 -5.22 -4.56
N THR A 31 4.56 -5.96 -5.61
CA THR A 31 4.66 -5.52 -7.01
C THR A 31 3.28 -5.41 -7.67
N GLN A 32 2.87 -4.18 -8.01
CA GLN A 32 1.59 -3.97 -8.73
C GLN A 32 1.73 -4.56 -10.13
N PHE A 33 0.77 -5.28 -10.68
CA PHE A 33 0.89 -5.77 -12.07
C PHE A 33 -0.30 -5.40 -12.96
N VAL A 34 -1.44 -4.97 -12.41
CA VAL A 34 -2.59 -4.48 -13.24
C VAL A 34 -3.29 -3.34 -12.50
N ARG A 35 -3.99 -2.50 -13.26
CA ARG A 35 -4.93 -1.52 -12.71
C ARG A 35 -6.14 -1.41 -13.61
N PHE A 36 -7.32 -1.20 -13.01
CA PHE A 36 -8.55 -0.79 -13.75
C PHE A 36 -9.13 0.42 -13.03
N ASP A 37 -9.47 1.48 -13.76
CA ASP A 37 -10.09 2.66 -13.16
C ASP A 37 -11.30 3.01 -14.02
N SER A 38 -12.49 2.97 -13.46
CA SER A 38 -13.72 3.29 -14.20
C SER A 38 -13.69 4.76 -14.69
N ASP A 39 -12.88 5.64 -14.12
CA ASP A 39 -12.76 7.06 -14.55
C ASP A 39 -11.73 7.24 -15.68
N ALA A 40 -10.97 6.22 -16.07
CA ALA A 40 -10.02 6.34 -17.23
C ALA A 40 -10.80 6.69 -18.52
N ALA A 41 -10.21 7.49 -19.42
CA ALA A 41 -10.84 7.88 -20.71
C ALA A 41 -11.49 6.66 -21.39
N SER A 42 -10.74 5.56 -21.57
CA SER A 42 -11.27 4.29 -22.12
C SER A 42 -10.97 3.15 -21.13
N PRO A 43 -11.85 2.88 -20.13
CA PRO A 43 -11.52 1.90 -19.09
C PRO A 43 -11.11 0.54 -19.68
N ARG A 44 -9.87 0.15 -19.34
CA ARG A 44 -9.22 -1.13 -19.69
C ARG A 44 -8.47 -1.65 -18.46
N GLU A 45 -8.45 -2.97 -18.24
CA GLU A 45 -7.34 -3.63 -17.49
C GLU A 45 -6.03 -3.28 -18.21
N GLU A 46 -5.08 -2.62 -17.51
CA GLU A 46 -3.82 -2.07 -18.08
C GLU A 46 -2.65 -2.71 -17.36
N PRO A 47 -1.56 -3.08 -18.07
CA PRO A 47 -0.38 -3.68 -17.45
C PRO A 47 0.37 -2.63 -16.65
N ARG A 48 0.92 -3.00 -15.49
CA ARG A 48 1.68 -2.08 -14.59
C ARG A 48 3.01 -2.71 -14.16
N ALA A 49 3.34 -3.89 -14.71
CA ALA A 49 4.62 -4.59 -14.54
C ALA A 49 5.04 -5.15 -15.91
N PRO A 50 6.36 -5.16 -16.25
CA PRO A 50 6.79 -5.70 -17.55
C PRO A 50 6.48 -7.18 -17.88
N TRP A 51 6.50 -8.07 -16.89
CA TRP A 51 6.31 -9.54 -17.07
C TRP A 51 4.85 -9.91 -17.35
N ILE A 52 3.91 -8.96 -17.22
CA ILE A 52 2.46 -9.15 -17.52
C ILE A 52 2.19 -8.82 -18.99
N GLU A 53 3.01 -7.97 -19.62
CA GLU A 53 2.72 -7.35 -20.95
C GLU A 53 2.58 -8.44 -22.02
N GLN A 54 3.27 -9.58 -21.82
CA GLN A 54 3.28 -10.75 -22.74
C GLN A 54 1.94 -11.50 -22.78
N GLU A 55 0.98 -11.21 -21.90
CA GLU A 55 -0.17 -12.15 -21.64
C GLU A 55 -1.04 -12.48 -22.88
N GLY A 56 -1.18 -11.55 -23.84
CA GLY A 56 -1.99 -11.79 -25.06
C GLY A 56 -3.35 -11.09 -24.98
N PRO A 57 -3.98 -10.79 -26.15
CA PRO A 57 -5.15 -9.90 -26.22
C PRO A 57 -6.43 -10.37 -25.50
N GLU A 58 -6.61 -11.68 -25.31
CA GLU A 58 -7.81 -12.26 -24.66
C GLU A 58 -7.71 -12.09 -23.14
N TYR A 59 -6.49 -12.21 -22.59
CA TYR A 59 -6.21 -11.87 -21.17
C TYR A 59 -6.76 -10.48 -20.91
N TRP A 60 -6.39 -9.50 -21.76
CA TRP A 60 -6.75 -8.07 -21.60
C TRP A 60 -8.25 -7.92 -21.84
N ASP A 61 -8.78 -8.58 -22.88
CA ASP A 61 -10.21 -8.35 -23.26
C ASP A 61 -11.12 -8.88 -22.16
N ARG A 62 -10.87 -10.09 -21.65
CA ARG A 62 -11.82 -10.72 -20.68
C ARG A 62 -11.60 -10.12 -19.30
N ASN A 63 -10.36 -9.74 -18.96
CA ASN A 63 -10.13 -9.09 -17.64
C ASN A 63 -10.80 -7.74 -17.67
N THR A 64 -10.73 -7.02 -18.78
CA THR A 64 -11.42 -5.74 -18.93
C THR A 64 -12.88 -6.04 -18.67
N GLN A 65 -13.44 -7.10 -19.26
CA GLN A 65 -14.90 -7.37 -19.06
C GLN A 65 -15.21 -7.68 -17.59
N ILE A 66 -14.39 -8.48 -16.91
CA ILE A 66 -14.62 -8.84 -15.48
C ILE A 66 -14.58 -7.54 -14.68
N PHE A 67 -13.66 -6.63 -14.98
CA PHE A 67 -13.58 -5.36 -14.19
C PHE A 67 -14.78 -4.46 -14.48
N LYS A 68 -15.24 -4.37 -15.72
CA LYS A 68 -16.41 -3.54 -16.04
C LYS A 68 -17.61 -4.11 -15.30
N THR A 69 -17.78 -5.44 -15.27
CA THR A 69 -18.90 -6.11 -14.52
C THR A 69 -18.74 -5.82 -13.02
N ASN A 70 -17.52 -5.91 -12.52
CA ASN A 70 -17.25 -5.63 -11.08
C ASN A 70 -17.59 -4.16 -10.74
N THR A 71 -17.34 -3.21 -11.62
CA THR A 71 -17.77 -1.80 -11.47
C THR A 71 -19.26 -1.79 -11.13
N GLN A 72 -20.06 -2.47 -11.94
CA GLN A 72 -21.52 -2.46 -11.75
C GLN A 72 -21.90 -3.16 -10.46
N THR A 73 -21.24 -4.28 -10.13
CA THR A 73 -21.58 -5.04 -8.92
C THR A 73 -21.27 -4.15 -7.70
N ASP A 74 -20.14 -3.43 -7.68
CA ASP A 74 -19.78 -2.58 -6.50
C ASP A 74 -20.78 -1.39 -6.39
N ARG A 75 -21.26 -0.85 -7.50
CA ARG A 75 -22.33 0.20 -7.47
C ARG A 75 -23.63 -0.37 -6.90
N CYS A 76 -23.99 -1.60 -7.25
CA CYS A 76 -25.16 -2.31 -6.67
C CYS A 76 -24.94 -2.44 -5.16
N SER A 77 -23.73 -2.85 -4.79
CA SER A 77 -23.39 -3.04 -3.36
C SER A 77 -23.53 -1.71 -2.60
N LEU A 78 -23.01 -0.63 -3.15
CA LEU A 78 -23.08 0.67 -2.47
C LEU A 78 -24.55 1.08 -2.28
N ARG A 79 -25.42 0.87 -3.25
CA ARG A 79 -26.87 1.18 -3.10
C ARG A 79 -27.44 0.34 -1.92
N ASN A 80 -27.11 -0.95 -1.90
CA ASN A 80 -27.65 -1.84 -0.86
C ASN A 80 -27.16 -1.37 0.51
N LEU A 81 -25.88 -1.12 0.64
CA LEU A 81 -25.28 -0.70 1.93
C LEU A 81 -25.91 0.58 2.45
N ARG A 82 -26.12 1.58 1.61
CA ARG A 82 -26.75 2.82 2.06
C ARG A 82 -28.08 2.46 2.69
N GLY A 83 -28.85 1.56 2.06
CA GLY A 83 -30.13 1.09 2.61
C GLY A 83 -29.99 0.37 3.93
N TYR A 84 -29.04 -0.55 4.03
CA TYR A 84 -28.85 -1.38 5.24
C TYR A 84 -28.55 -0.49 6.43
N TYR A 85 -27.97 0.68 6.22
CA TYR A 85 -27.55 1.56 7.35
C TYR A 85 -28.48 2.78 7.44
N ASN A 86 -29.56 2.79 6.66
CA ASN A 86 -30.59 3.84 6.68
C ASN A 86 -29.98 5.20 6.37
N GLN A 87 -28.99 5.28 5.49
CA GLN A 87 -28.25 6.54 5.24
C GLN A 87 -28.93 7.38 4.15
N SER A 88 -28.69 8.68 4.20
CA SER A 88 -29.26 9.62 3.20
C SER A 88 -28.49 9.48 1.89
N GLU A 89 -29.13 9.89 0.80
CA GLU A 89 -28.53 9.91 -0.54
C GLU A 89 -27.52 11.04 -0.63
N ALA A 90 -27.41 11.92 0.37
CA ALA A 90 -26.50 13.10 0.32
C ALA A 90 -25.02 12.76 0.52
N GLY A 91 -24.68 11.72 1.28
CA GLY A 91 -23.29 11.48 1.71
C GLY A 91 -22.49 10.61 0.74
N SER A 92 -21.17 10.79 0.76
CA SER A 92 -20.21 9.88 0.07
C SER A 92 -19.88 8.71 1.00
N HIS A 93 -19.82 7.53 0.43
CA HIS A 93 -19.47 6.28 1.16
C HIS A 93 -18.42 5.52 0.36
N THR A 94 -17.69 4.65 1.03
CA THR A 94 -16.62 3.86 0.41
C THR A 94 -16.85 2.37 0.67
N LEU A 95 -16.71 1.53 -0.35
CA LEU A 95 -16.66 0.06 -0.19
C LEU A 95 -15.27 -0.36 -0.61
N GLN A 96 -14.57 -1.10 0.22
CA GLN A 96 -13.26 -1.69 -0.15
C GLN A 96 -13.35 -3.20 -0.12
N SER A 97 -12.56 -3.86 -0.99
CA SER A 97 -12.50 -5.33 -1.08
C SER A 97 -11.06 -5.76 -1.18
N MET A 98 -10.70 -6.86 -0.49
CA MET A 98 -9.39 -7.51 -0.67
C MET A 98 -9.66 -8.97 -1.01
N TYR A 99 -9.15 -9.49 -2.13
CA TYR A 99 -9.29 -10.94 -2.37
C TYR A 99 -8.05 -11.50 -3.03
N GLY A 100 -7.81 -12.76 -2.77
CA GLY A 100 -6.69 -13.47 -3.41
C GLY A 100 -6.15 -14.58 -2.57
N CYS A 101 -4.94 -15.02 -2.89
CA CYS A 101 -4.43 -16.33 -2.38
C CYS A 101 -2.99 -16.18 -1.95
N ASP A 102 -2.61 -16.98 -0.97
CA ASP A 102 -1.19 -17.09 -0.56
C ASP A 102 -0.72 -18.51 -0.83
N VAL A 103 0.50 -18.67 -1.33
CA VAL A 103 1.10 -20.01 -1.61
C VAL A 103 2.46 -20.10 -0.91
N GLY A 104 2.85 -21.33 -0.58
CA GLY A 104 4.15 -21.59 0.04
C GLY A 104 5.23 -21.77 -1.03
N PRO A 105 6.46 -22.09 -0.59
CA PRO A 105 7.60 -22.22 -1.52
C PRO A 105 7.37 -23.19 -2.69
N ASP A 106 6.53 -24.20 -2.48
CA ASP A 106 6.20 -25.26 -3.47
C ASP A 106 4.96 -24.90 -4.30
N GLY A 107 4.40 -23.71 -4.09
CA GLY A 107 3.24 -23.23 -4.88
C GLY A 107 1.92 -23.78 -4.37
N ARG A 108 1.89 -24.46 -3.22
CA ARG A 108 0.65 -25.06 -2.71
C ARG A 108 -0.16 -23.96 -2.01
N LEU A 109 -1.48 -23.99 -2.13
CA LEU A 109 -2.33 -23.01 -1.41
C LEU A 109 -2.01 -23.03 0.09
N LEU A 110 -1.71 -21.88 0.69
CA LEU A 110 -1.62 -21.71 2.15
C LEU A 110 -2.96 -21.22 2.67
N ARG A 111 -3.54 -20.21 2.02
CA ARG A 111 -4.85 -19.70 2.45
C ARG A 111 -5.43 -18.71 1.46
N GLY A 112 -6.73 -18.68 1.44
CA GLY A 112 -7.44 -17.73 0.60
C GLY A 112 -8.10 -16.60 1.41
N HIS A 113 -8.42 -15.52 0.71
CA HIS A 113 -8.98 -14.27 1.32
C HIS A 113 -10.08 -13.71 0.45
N ASN A 114 -11.20 -13.24 1.05
CA ASN A 114 -12.25 -12.48 0.33
C ASN A 114 -13.00 -11.66 1.36
N GLN A 115 -12.58 -10.42 1.51
CA GLN A 115 -13.14 -9.61 2.59
C GLN A 115 -13.43 -8.17 2.18
N TYR A 116 -14.32 -7.56 2.93
CA TYR A 116 -14.91 -6.25 2.58
C TYR A 116 -14.94 -5.34 3.81
N ALA A 117 -14.80 -4.03 3.54
CA ALA A 117 -14.96 -2.96 4.56
C ALA A 117 -15.83 -1.85 3.97
N TYR A 118 -16.69 -1.30 4.83
CA TYR A 118 -17.58 -0.19 4.46
C TYR A 118 -17.23 1.01 5.34
N ASP A 119 -16.96 2.13 4.68
CA ASP A 119 -16.51 3.36 5.38
C ASP A 119 -15.38 3.06 6.35
N GLY A 120 -14.43 2.25 5.92
CA GLY A 120 -13.17 1.90 6.63
C GLY A 120 -13.32 0.93 7.78
N LYS A 121 -14.51 0.32 7.96
CA LYS A 121 -14.76 -0.65 9.02
C LYS A 121 -14.99 -2.02 8.38
N ASP A 122 -14.39 -3.04 8.97
CA ASP A 122 -14.65 -4.42 8.54
C ASP A 122 -16.15 -4.67 8.51
N TYR A 123 -16.63 -5.28 7.43
CA TYR A 123 -18.05 -5.54 7.14
C TYR A 123 -18.35 -7.05 7.08
N ILE A 124 -17.72 -7.77 6.15
CA ILE A 124 -17.89 -9.25 6.05
C ILE A 124 -16.60 -9.84 5.51
N ALA A 125 -16.28 -11.08 5.91
CA ALA A 125 -15.09 -11.78 5.41
C ALA A 125 -15.42 -13.26 5.27
N LEU A 126 -14.86 -13.85 4.24
CA LEU A 126 -14.84 -15.31 4.05
C LEU A 126 -13.87 -15.84 5.10
N ASN A 127 -14.33 -16.82 5.88
CA ASN A 127 -13.45 -17.49 6.86
C ASN A 127 -12.41 -18.35 6.16
N GLU A 128 -11.34 -18.70 6.91
CA GLU A 128 -10.19 -19.48 6.39
C GLU A 128 -10.65 -20.82 5.80
N ASP A 129 -11.75 -21.37 6.30
CA ASP A 129 -12.33 -22.61 5.75
C ASP A 129 -12.79 -22.45 4.31
N LEU A 130 -13.04 -21.23 3.85
CA LEU A 130 -13.58 -20.95 2.49
C LEU A 130 -15.01 -21.49 2.33
N ARG A 131 -15.74 -21.68 3.43
CA ARG A 131 -17.11 -22.24 3.38
C ARG A 131 -18.12 -21.35 4.11
N SER A 132 -17.66 -20.51 5.02
CA SER A 132 -18.52 -19.74 5.94
C SER A 132 -18.07 -18.28 6.07
N TRP A 133 -18.97 -17.42 6.54
CA TRP A 133 -18.75 -15.96 6.57
C TRP A 133 -18.74 -15.48 8.00
N THR A 134 -17.95 -14.46 8.25
CA THR A 134 -18.03 -13.66 9.50
C THR A 134 -18.58 -12.26 9.18
N ALA A 135 -19.73 -11.95 9.76
CA ALA A 135 -20.45 -10.68 9.56
C ALA A 135 -20.25 -9.80 10.78
N ALA A 136 -19.91 -8.53 10.55
CA ALA A 136 -19.55 -7.60 11.66
C ALA A 136 -20.76 -7.12 12.46
N ASP A 137 -21.93 -7.08 11.87
CA ASP A 137 -23.12 -6.39 12.44
C ASP A 137 -24.37 -6.86 11.71
N THR A 138 -25.54 -6.34 12.11
CA THR A 138 -26.81 -6.85 11.57
C THR A 138 -26.99 -6.48 10.11
N ALA A 139 -26.36 -5.43 9.59
CA ALA A 139 -26.35 -5.16 8.13
C ALA A 139 -25.58 -6.27 7.37
N ALA A 140 -24.39 -6.60 7.85
CA ALA A 140 -23.58 -7.67 7.20
C ALA A 140 -24.26 -9.04 7.31
N GLN A 141 -25.11 -9.26 8.32
CA GLN A 141 -25.92 -10.50 8.43
C GLN A 141 -26.87 -10.59 7.24
N ILE A 142 -27.43 -9.49 6.73
CA ILE A 142 -28.27 -9.54 5.50
C ILE A 142 -27.44 -10.06 4.33
N THR A 143 -26.24 -9.49 4.09
CA THR A 143 -25.35 -9.94 3.01
C THR A 143 -25.04 -11.43 3.23
N GLN A 144 -24.70 -11.81 4.46
CA GLN A 144 -24.37 -13.22 4.80
C GLN A 144 -25.55 -14.12 4.39
N ARG A 145 -26.77 -13.79 4.83
CA ARG A 145 -27.93 -14.65 4.45
C ARG A 145 -28.09 -14.74 2.93
N LYS A 146 -27.98 -13.61 2.21
CA LYS A 146 -28.09 -13.58 0.73
C LYS A 146 -27.03 -14.50 0.11
N TRP A 147 -25.80 -14.38 0.57
CA TRP A 147 -24.67 -15.13 -0.02
C TRP A 147 -24.78 -16.61 0.33
N GLU A 148 -25.28 -16.94 1.52
CA GLU A 148 -25.57 -18.37 1.88
C GLU A 148 -26.64 -18.89 0.92
N ALA A 149 -27.71 -18.12 0.69
CA ALA A 149 -28.80 -18.58 -0.21
C ALA A 149 -28.30 -18.81 -1.65
N ALA A 150 -27.35 -18.02 -2.09
CA ALA A 150 -26.81 -18.05 -3.46
C ALA A 150 -25.56 -18.93 -3.58
N ARG A 151 -25.08 -19.54 -2.48
CA ARG A 151 -23.90 -20.47 -2.43
C ARG A 151 -22.67 -19.74 -3.01
N VAL A 152 -22.51 -18.47 -2.65
CA VAL A 152 -21.39 -17.62 -3.12
C VAL A 152 -20.05 -18.20 -2.60
N ALA A 153 -19.98 -18.68 -1.37
CA ALA A 153 -18.70 -19.18 -0.76
C ALA A 153 -18.16 -20.30 -1.66
N GLU A 154 -19.06 -21.13 -2.19
CA GLU A 154 -18.63 -22.25 -3.08
C GLU A 154 -17.91 -21.69 -4.30
N GLN A 155 -18.45 -20.63 -4.91
CA GLN A 155 -17.85 -19.99 -6.11
C GLN A 155 -16.51 -19.38 -5.73
N ASP A 156 -16.50 -18.65 -4.61
CA ASP A 156 -15.22 -18.04 -4.15
C ASP A 156 -14.17 -19.10 -3.86
N ARG A 157 -14.51 -20.19 -3.19
CA ARG A 157 -13.57 -21.30 -2.90
C ARG A 157 -13.02 -21.85 -4.22
N ALA A 158 -13.87 -22.06 -5.22
CA ALA A 158 -13.38 -22.62 -6.51
C ALA A 158 -12.38 -21.67 -7.15
N TYR A 159 -12.63 -20.37 -7.14
CA TYR A 159 -11.70 -19.34 -7.69
C TYR A 159 -10.41 -19.40 -6.89
N LEU A 160 -10.48 -19.34 -5.56
CA LEU A 160 -9.24 -19.19 -4.76
C LEU A 160 -8.38 -20.46 -4.85
N GLU A 161 -8.98 -21.66 -4.91
CA GLU A 161 -8.18 -22.91 -4.89
C GLU A 161 -7.71 -23.30 -6.30
N GLY A 162 -8.33 -22.75 -7.34
CA GLY A 162 -8.09 -23.13 -8.75
C GLY A 162 -7.42 -22.01 -9.50
N THR A 163 -8.21 -21.11 -10.07
CA THR A 163 -7.78 -20.00 -10.94
C THR A 163 -6.73 -19.13 -10.24
N CYS A 164 -6.95 -18.72 -9.00
CA CYS A 164 -6.06 -17.76 -8.30
C CYS A 164 -4.67 -18.37 -8.22
N VAL A 165 -4.56 -19.60 -7.71
CA VAL A 165 -3.26 -20.27 -7.44
C VAL A 165 -2.61 -20.55 -8.78
N GLU A 166 -3.37 -20.94 -9.80
CA GLU A 166 -2.80 -21.23 -11.16
C GLU A 166 -2.20 -19.95 -11.79
N TRP A 167 -2.87 -18.81 -11.71
CA TRP A 167 -2.36 -17.52 -12.23
C TRP A 167 -1.16 -17.06 -11.42
N LEU A 168 -1.16 -17.26 -10.12
CA LEU A 168 -0.02 -16.80 -9.30
C LEU A 168 1.22 -17.61 -9.71
N ARG A 169 1.06 -18.93 -9.86
CA ARG A 169 2.21 -19.79 -10.26
C ARG A 169 2.73 -19.31 -11.61
N ARG A 170 1.86 -19.01 -12.55
CA ARG A 170 2.31 -18.55 -13.91
C ARG A 170 3.00 -17.18 -13.80
N TYR A 171 2.51 -16.27 -12.96
CA TYR A 171 3.12 -14.92 -12.82
C TYR A 171 4.52 -15.09 -12.19
N LEU A 172 4.66 -15.97 -11.21
CA LEU A 172 5.93 -16.13 -10.50
C LEU A 172 6.96 -16.69 -11.51
N GLU A 173 6.53 -17.55 -12.42
CA GLU A 173 7.47 -18.18 -13.39
C GLU A 173 7.87 -17.11 -14.40
N ASN A 174 6.92 -16.33 -14.89
CA ASN A 174 7.12 -15.32 -15.96
C ASN A 174 7.93 -14.14 -15.43
N GLY A 175 7.74 -13.78 -14.16
CA GLY A 175 8.48 -12.68 -13.52
C GLY A 175 9.60 -13.14 -12.58
N LYS A 176 10.16 -14.35 -12.76
CA LYS A 176 11.05 -14.98 -11.74
C LYS A 176 12.27 -14.09 -11.45
N ASP A 177 12.80 -13.37 -12.43
CA ASP A 177 14.02 -12.53 -12.20
C ASP A 177 13.78 -11.39 -11.24
N THR A 178 12.54 -10.94 -11.02
CA THR A 178 12.19 -9.84 -10.10
C THR A 178 11.34 -10.35 -8.92
N LEU A 179 10.23 -11.03 -9.20
CA LEU A 179 9.32 -11.47 -8.13
C LEU A 179 9.98 -12.47 -7.18
N GLU A 180 10.99 -13.25 -7.64
CA GLU A 180 11.70 -14.26 -6.82
C GLU A 180 13.09 -13.79 -6.44
N ARG A 181 13.32 -12.49 -6.49
CA ARG A 181 14.59 -11.90 -6.10
C ARG A 181 14.36 -10.94 -4.94
N ALA A 182 14.97 -11.21 -3.81
CA ALA A 182 14.97 -10.33 -2.62
C ALA A 182 16.22 -9.47 -2.66
N ASP A 183 16.02 -8.17 -2.61
CA ASP A 183 17.11 -7.17 -2.68
C ASP A 183 17.35 -6.71 -1.25
N PRO A 184 18.56 -6.92 -0.70
CA PRO A 184 18.79 -6.57 0.69
C PRO A 184 18.82 -5.07 0.88
N PRO A 185 18.60 -4.63 2.13
CA PRO A 185 18.81 -3.22 2.42
C PRO A 185 20.28 -2.80 2.40
N LYS A 186 20.51 -1.59 1.94
CA LYS A 186 21.77 -0.82 2.11
C LYS A 186 21.60 -0.03 3.41
N THR A 187 22.56 -0.14 4.34
CA THR A 187 22.35 0.34 5.72
C THR A 187 23.46 1.30 6.10
N HIS A 188 23.12 2.30 6.91
CA HIS A 188 24.12 3.19 7.55
C HIS A 188 23.48 3.74 8.80
N VAL A 189 24.31 4.27 9.70
CA VAL A 189 23.87 4.97 10.93
C VAL A 189 24.35 6.39 10.86
N THR A 190 23.45 7.33 11.06
CA THR A 190 23.75 8.76 11.13
C THR A 190 23.66 9.23 12.59
N HIS A 191 24.35 10.34 12.87
CA HIS A 191 24.50 10.95 14.22
C HIS A 191 24.23 12.45 14.09
N HIS A 192 23.32 13.01 14.87
CA HIS A 192 22.99 14.46 14.86
C HIS A 192 22.90 14.91 16.32
N PRO A 193 23.85 15.72 16.83
CA PRO A 193 23.67 16.31 18.16
C PRO A 193 22.38 17.12 18.21
N ILE A 194 21.60 17.00 19.27
CA ILE A 194 20.37 17.81 19.45
C ILE A 194 20.70 18.92 20.47
N SER A 195 21.58 18.62 21.42
CA SER A 195 22.02 19.55 22.49
C SER A 195 23.41 19.14 22.97
N ASP A 196 23.97 19.81 23.97
CA ASP A 196 25.22 19.33 24.59
C ASP A 196 25.03 17.95 25.27
N HIS A 197 23.80 17.59 25.66
CA HIS A 197 23.51 16.42 26.54
C HIS A 197 23.11 15.20 25.68
N GLU A 198 22.67 15.41 24.44
CA GLU A 198 21.90 14.34 23.71
C GLU A 198 22.21 14.40 22.22
N ALA A 199 22.09 13.24 21.57
CA ALA A 199 22.20 13.16 20.10
C ALA A 199 21.16 12.14 19.61
N THR A 200 20.76 12.29 18.36
CA THR A 200 19.92 11.32 17.62
C THR A 200 20.84 10.38 16.84
N LEU A 201 20.64 9.08 17.03
CA LEU A 201 21.18 8.03 16.16
C LEU A 201 20.04 7.56 15.26
N ARG A 202 20.31 7.48 13.96
CA ARG A 202 19.24 7.09 13.01
C ARG A 202 19.81 5.96 12.19
N CYS A 203 19.11 4.82 12.22
CA CYS A 203 19.47 3.59 11.51
C CYS A 203 18.65 3.52 10.21
N TRP A 204 19.34 3.52 9.08
CA TRP A 204 18.73 3.55 7.72
C TRP A 204 18.77 2.23 7.01
N ALA A 205 17.68 1.90 6.34
CA ALA A 205 17.55 0.73 5.44
C ALA A 205 17.03 1.28 4.09
N LEU A 206 17.82 1.14 3.01
CA LEU A 206 17.44 1.67 1.68
C LEU A 206 17.53 0.59 0.60
N GLY A 207 16.66 0.69 -0.42
CA GLY A 207 16.82 -0.15 -1.62
C GLY A 207 16.41 -1.60 -1.42
N PHE A 208 15.52 -1.94 -0.48
CA PHE A 208 15.19 -3.35 -0.20
C PHE A 208 13.88 -3.75 -0.90
N TYR A 209 13.73 -5.04 -1.16
CA TYR A 209 12.47 -5.61 -1.66
C TYR A 209 12.49 -7.06 -1.19
N PRO A 210 11.41 -7.63 -0.65
CA PRO A 210 10.11 -6.98 -0.49
C PRO A 210 10.09 -6.03 0.71
N ALA A 211 8.91 -5.45 0.99
CA ALA A 211 8.79 -4.36 1.99
C ALA A 211 9.00 -4.87 3.41
N GLU A 212 8.65 -6.10 3.71
CA GLU A 212 8.79 -6.67 5.07
C GLU A 212 10.24 -6.56 5.57
N ILE A 213 10.45 -5.90 6.72
CA ILE A 213 11.80 -5.72 7.30
C ILE A 213 11.59 -5.53 8.81
N THR A 214 12.60 -5.90 9.57
CA THR A 214 12.65 -5.58 11.03
C THR A 214 13.87 -4.70 11.29
N LEU A 215 13.64 -3.55 11.87
CA LEU A 215 14.68 -2.57 12.22
C LEU A 215 14.51 -2.18 13.69
N THR A 216 15.49 -2.47 14.53
CA THR A 216 15.36 -2.20 15.98
C THR A 216 16.63 -1.52 16.42
N TRP A 217 16.52 -0.72 17.51
CA TRP A 217 17.66 -0.34 18.34
C TRP A 217 17.69 -1.11 19.68
N GLN A 218 18.86 -1.50 20.08
CA GLN A 218 19.12 -2.04 21.45
C GLN A 218 20.11 -1.12 22.18
N ARG A 219 19.93 -0.99 23.49
CA ARG A 219 20.88 -0.30 24.40
C ARG A 219 21.41 -1.39 25.35
N ASP A 220 22.71 -1.63 25.39
CA ASP A 220 23.31 -2.74 26.18
C ASP A 220 22.52 -4.04 25.93
N GLY A 221 22.11 -4.32 24.69
CA GLY A 221 21.48 -5.60 24.29
C GLY A 221 20.00 -5.68 24.66
N GLU A 222 19.40 -4.59 25.19
CA GLU A 222 17.95 -4.52 25.51
C GLU A 222 17.21 -3.73 24.41
N ASP A 223 16.20 -4.34 23.78
CA ASP A 223 15.30 -3.63 22.84
C ASP A 223 14.74 -2.32 23.43
N GLN A 224 14.72 -1.27 22.62
CA GLN A 224 14.34 0.12 22.98
C GLN A 224 13.01 0.47 22.30
N THR A 225 12.05 -0.45 22.29
CA THR A 225 10.78 -0.27 21.53
C THR A 225 10.15 1.07 21.92
N GLN A 226 9.99 1.32 23.21
CA GLN A 226 9.28 2.53 23.68
C GLN A 226 10.01 3.82 23.25
N ASP A 227 11.36 3.85 23.20
CA ASP A 227 12.14 5.11 22.97
C ASP A 227 12.59 5.21 21.51
N THR A 228 12.10 4.33 20.62
CA THR A 228 12.48 4.36 19.17
C THR A 228 11.38 5.04 18.36
N GLU A 229 11.75 5.95 17.46
CA GLU A 229 10.85 6.50 16.44
C GLU A 229 11.06 5.68 15.17
N LEU A 230 10.01 4.96 14.77
CA LEU A 230 10.05 4.03 13.62
C LEU A 230 9.10 4.59 12.59
N VAL A 231 9.59 5.05 11.43
CA VAL A 231 8.73 5.59 10.34
C VAL A 231 8.15 4.40 9.55
N GLU A 232 6.94 4.60 9.02
CA GLU A 232 6.34 3.59 8.12
C GLU A 232 7.31 3.31 6.99
N THR A 233 7.32 2.03 6.60
CA THR A 233 8.06 1.62 5.39
C THR A 233 7.47 2.39 4.20
N ARG A 234 8.33 2.92 3.34
CA ARG A 234 7.89 3.85 2.26
C ARG A 234 8.49 3.42 0.93
N PRO A 235 7.74 3.58 -0.18
CA PRO A 235 8.26 3.24 -1.49
C PRO A 235 9.23 4.28 -2.04
N ALA A 236 10.28 3.80 -2.71
CA ALA A 236 11.26 4.69 -3.34
C ALA A 236 10.78 5.13 -4.73
N GLY A 237 9.95 4.32 -5.38
CA GLY A 237 9.45 4.57 -6.76
C GLY A 237 10.19 3.75 -7.81
N ASP A 238 11.15 2.91 -7.41
CA ASP A 238 11.98 2.06 -8.31
C ASP A 238 11.80 0.56 -7.96
N ARG A 239 10.67 0.27 -7.33
CA ARG A 239 10.22 -1.06 -6.80
C ARG A 239 10.67 -1.24 -5.37
N THR A 240 11.71 -0.56 -4.91
CA THR A 240 12.29 -0.87 -3.59
C THR A 240 11.64 0.04 -2.52
N PHE A 241 12.00 -0.25 -1.28
CA PHE A 241 11.42 0.39 -0.06
C PHE A 241 12.52 0.97 0.80
N GLN A 242 12.10 1.83 1.69
CA GLN A 242 13.02 2.53 2.63
C GLN A 242 12.38 2.50 4.00
N LYS A 243 13.21 2.58 5.05
CA LYS A 243 12.72 2.72 6.42
C LYS A 243 13.85 3.27 7.27
N TRP A 244 13.52 3.96 8.33
CA TRP A 244 14.53 4.32 9.35
C TRP A 244 13.95 4.21 10.76
N ALA A 245 14.86 4.09 11.74
CA ALA A 245 14.57 3.99 13.18
C ALA A 245 15.53 4.92 13.93
N ALA A 246 15.01 5.73 14.83
CA ALA A 246 15.89 6.69 15.52
C ALA A 246 15.70 6.60 17.02
N VAL A 247 16.79 6.82 17.73
CA VAL A 247 16.77 6.89 19.22
C VAL A 247 17.58 8.11 19.65
N VAL A 248 17.14 8.71 20.73
CA VAL A 248 17.87 9.86 21.35
C VAL A 248 18.72 9.29 22.48
N VAL A 249 20.02 9.52 22.40
CA VAL A 249 21.03 8.88 23.26
C VAL A 249 21.77 9.97 24.02
N PRO A 250 22.22 9.67 25.24
CA PRO A 250 23.08 10.61 25.99
C PRO A 250 24.45 10.70 25.29
N SER A 251 24.96 11.94 25.16
CA SER A 251 26.29 12.22 24.57
C SER A 251 27.31 11.33 25.23
N GLY A 252 28.18 10.68 24.47
CA GLY A 252 29.18 9.81 25.10
C GLY A 252 28.75 8.38 25.25
N GLU A 253 27.47 7.99 25.09
CA GLU A 253 27.01 6.58 25.25
C GLU A 253 26.66 5.93 23.90
N GLU A 254 27.05 6.57 22.80
CA GLU A 254 26.66 6.07 21.44
C GLU A 254 27.06 4.61 21.25
N GLN A 255 28.22 4.17 21.77
CA GLN A 255 28.67 2.79 21.44
C GLN A 255 27.92 1.72 22.22
N ARG A 256 27.06 2.09 23.18
CA ARG A 256 26.20 1.11 23.85
C ARG A 256 24.99 0.79 22.98
N TYR A 257 24.80 1.48 21.84
CA TYR A 257 23.59 1.27 21.02
C TYR A 257 23.90 0.50 19.74
N THR A 258 23.10 -0.53 19.48
CA THR A 258 23.25 -1.31 18.22
C THR A 258 21.95 -1.30 17.47
N CYS A 259 22.03 -1.20 16.16
CA CYS A 259 20.86 -1.24 15.27
C CYS A 259 20.86 -2.68 14.69
N HIS A 260 19.75 -3.36 14.71
CA HIS A 260 19.65 -4.75 14.18
C HIS A 260 18.68 -4.74 13.00
N VAL A 261 19.07 -5.41 11.92
CA VAL A 261 18.31 -5.44 10.64
C VAL A 261 18.12 -6.89 10.23
N GLN A 262 16.88 -7.26 10.01
CA GLN A 262 16.54 -8.57 9.40
C GLN A 262 15.76 -8.30 8.13
N HIS A 263 16.15 -9.02 7.08
CA HIS A 263 15.44 -8.92 5.78
C HIS A 263 15.77 -10.18 5.00
N GLU A 264 14.81 -10.63 4.18
CA GLU A 264 14.95 -11.84 3.34
C GLU A 264 16.19 -11.78 2.40
N GLY A 265 16.65 -10.61 1.93
CA GLY A 265 17.75 -10.43 0.96
C GLY A 265 19.14 -10.60 1.59
N LEU A 266 19.22 -10.57 2.91
CA LEU A 266 20.56 -10.53 3.58
C LEU A 266 21.01 -11.97 3.72
N PRO A 267 22.30 -12.27 3.51
CA PRO A 267 22.82 -13.61 3.81
C PRO A 267 22.70 -13.88 5.32
N LYS A 268 22.88 -12.85 6.18
CA LYS A 268 22.65 -12.96 7.65
C LYS A 268 22.22 -11.60 8.22
N PRO A 269 21.59 -11.59 9.40
CA PRO A 269 21.20 -10.33 10.04
C PRO A 269 22.40 -9.39 10.32
N LEU A 270 22.14 -8.09 10.24
CA LEU A 270 23.16 -7.04 10.43
C LEU A 270 23.06 -6.49 11.86
N THR A 271 24.21 -6.17 12.43
CA THR A 271 24.36 -5.39 13.69
C THR A 271 25.22 -4.20 13.29
N LEU A 272 24.73 -2.98 13.48
CA LEU A 272 25.38 -1.74 13.06
C LEU A 272 25.52 -0.87 14.30
N ARG A 273 26.61 -0.12 14.35
CA ARG A 273 26.83 0.96 15.33
C ARG A 273 27.19 2.22 14.56
N TRP A 274 27.06 3.35 15.23
CA TRP A 274 27.62 4.63 14.73
C TRP A 274 29.13 4.44 14.55
N GLU A 275 29.61 4.71 13.32
CA GLU A 275 31.02 4.59 12.82
C GLU A 275 31.48 3.13 12.86
N ILE B 1 -16.27 7.99 10.93
CA ILE B 1 -14.90 7.81 11.51
C ILE B 1 -13.85 8.04 10.40
N GLN B 2 -12.91 8.94 10.66
CA GLN B 2 -11.93 9.39 9.64
C GLN B 2 -10.54 9.26 10.22
N ARG B 3 -9.56 9.15 9.33
CA ARG B 3 -8.17 8.86 9.73
C ARG B 3 -7.29 9.85 8.97
N THR B 4 -6.44 10.56 9.72
CA THR B 4 -5.63 11.66 9.17
C THR B 4 -4.40 11.11 8.47
N PRO B 5 -3.91 11.70 7.35
CA PRO B 5 -2.73 11.15 6.70
C PRO B 5 -1.43 11.35 7.47
N LYS B 6 -0.59 10.35 7.43
CA LYS B 6 0.85 10.42 7.74
C LYS B 6 1.55 10.89 6.46
N ILE B 7 2.59 11.72 6.60
CA ILE B 7 3.24 12.37 5.45
C ILE B 7 4.73 12.18 5.61
N GLN B 8 5.38 11.70 4.59
CA GLN B 8 6.86 11.65 4.53
C GLN B 8 7.35 12.23 3.21
N VAL B 9 8.37 13.09 3.26
CA VAL B 9 8.98 13.78 2.11
C VAL B 9 10.46 13.35 2.06
N TYR B 10 10.90 12.83 0.92
CA TYR B 10 12.20 12.13 0.78
C TYR B 10 12.58 11.99 -0.67
N SER B 11 13.81 11.62 -0.95
CA SER B 11 14.30 11.36 -2.32
C SER B 11 14.42 9.87 -2.60
N ARG B 12 14.26 9.54 -3.87
CA ARG B 12 14.37 8.13 -4.32
C ARG B 12 15.77 7.59 -4.02
N HIS B 13 16.78 8.38 -4.40
CA HIS B 13 18.23 8.11 -4.21
C HIS B 13 18.80 9.11 -3.20
N PRO B 14 19.93 8.75 -2.59
CA PRO B 14 20.61 9.67 -1.69
C PRO B 14 20.85 11.01 -2.40
N ALA B 15 20.60 12.13 -1.73
CA ALA B 15 20.62 13.46 -2.40
C ALA B 15 22.08 13.90 -2.59
N GLU B 16 22.43 14.26 -3.81
CA GLU B 16 23.72 14.89 -4.21
C GLU B 16 23.42 16.19 -4.95
N ASN B 17 23.85 17.35 -4.43
CA ASN B 17 23.65 18.65 -5.11
C ASN B 17 24.10 18.53 -6.56
N GLY B 18 23.25 18.95 -7.49
CA GLY B 18 23.55 18.99 -8.94
C GLY B 18 23.26 17.67 -9.64
N LYS B 19 22.85 16.62 -8.94
CA LYS B 19 22.58 15.31 -9.59
C LYS B 19 21.06 15.06 -9.66
N SER B 20 20.56 14.59 -10.82
CA SER B 20 19.11 14.36 -11.08
C SER B 20 18.61 13.22 -10.18
N ASN B 21 17.39 13.34 -9.68
CA ASN B 21 16.85 12.49 -8.58
C ASN B 21 15.34 12.60 -8.67
N PHE B 22 14.62 11.95 -7.76
CA PHE B 22 13.14 12.06 -7.69
C PHE B 22 12.78 12.51 -6.29
N LEU B 23 11.86 13.46 -6.15
CA LEU B 23 11.32 13.96 -4.89
C LEU B 23 9.99 13.26 -4.65
N ASN B 24 9.87 12.61 -3.49
CA ASN B 24 8.69 11.76 -3.14
C ASN B 24 7.94 12.45 -2.03
N CYS B 25 6.60 12.43 -2.10
CA CYS B 25 5.69 12.70 -0.99
C CYS B 25 4.80 11.47 -0.84
N TYR B 26 4.99 10.75 0.21
CA TYR B 26 4.22 9.52 0.52
C TYR B 26 3.19 9.86 1.57
N VAL B 27 1.92 9.72 1.22
CA VAL B 27 0.82 9.89 2.17
C VAL B 27 0.20 8.53 2.48
N SER B 28 -0.02 8.25 3.76
CA SER B 28 -0.51 6.90 4.13
C SER B 28 -1.41 6.99 5.34
N GLY B 29 -2.12 5.93 5.64
CA GLY B 29 -2.92 5.85 6.86
C GLY B 29 -4.17 6.68 6.88
N PHE B 30 -4.70 7.11 5.74
CA PHE B 30 -5.81 8.07 5.72
C PHE B 30 -7.10 7.38 5.27
N HIS B 31 -8.21 7.98 5.64
CA HIS B 31 -9.57 7.51 5.29
C HIS B 31 -10.48 8.69 5.49
N PRO B 32 -11.36 9.09 4.56
CA PRO B 32 -11.54 8.48 3.25
C PRO B 32 -10.46 8.89 2.25
N SER B 33 -10.62 8.47 0.98
CA SER B 33 -9.50 8.41 0.03
C SER B 33 -9.28 9.80 -0.60
N ASP B 34 -10.23 10.72 -0.57
CA ASP B 34 -9.98 12.01 -1.29
C ASP B 34 -8.90 12.82 -0.55
N ILE B 35 -7.89 13.27 -1.28
CA ILE B 35 -6.70 13.93 -0.66
C ILE B 35 -6.08 14.81 -1.74
N GLU B 36 -5.60 15.96 -1.34
CA GLU B 36 -4.92 16.90 -2.27
C GLU B 36 -3.47 16.98 -1.82
N VAL B 37 -2.61 16.68 -2.75
CA VAL B 37 -1.14 16.67 -2.53
C VAL B 37 -0.49 17.52 -3.60
N ASP B 38 0.35 18.45 -3.16
CA ASP B 38 1.19 19.27 -4.04
C ASP B 38 2.66 19.17 -3.57
N LEU B 39 3.56 19.06 -4.53
CA LEU B 39 5.02 19.24 -4.26
C LEU B 39 5.37 20.69 -4.58
N LEU B 40 6.19 21.31 -3.71
CA LEU B 40 6.55 22.75 -3.75
C LEU B 40 8.06 22.86 -3.92
N LYS B 41 8.46 23.79 -4.79
CA LYS B 41 9.88 24.21 -4.98
C LYS B 41 9.94 25.71 -4.65
N ASN B 42 10.62 26.09 -3.56
CA ASN B 42 10.67 27.45 -2.98
C ASN B 42 9.26 28.02 -2.90
N GLY B 43 8.31 27.26 -2.33
CA GLY B 43 6.95 27.71 -2.01
C GLY B 43 5.95 27.57 -3.16
N GLU B 44 6.40 27.26 -4.38
CA GLU B 44 5.57 27.33 -5.61
C GLU B 44 5.26 25.90 -6.05
N ARG B 45 4.03 25.66 -6.50
CA ARG B 45 3.56 24.32 -6.94
C ARG B 45 4.37 23.86 -8.15
N ILE B 46 4.87 22.61 -8.10
CA ILE B 46 5.54 21.93 -9.24
C ILE B 46 4.44 21.38 -10.17
N GLU B 47 4.59 21.53 -11.50
CA GLU B 47 3.57 21.06 -12.48
C GLU B 47 3.81 19.60 -12.89
N LYS B 48 2.75 18.89 -13.26
CA LYS B 48 2.86 17.55 -13.92
C LYS B 48 3.54 16.53 -12.96
N VAL B 49 3.32 16.69 -11.65
CA VAL B 49 3.65 15.70 -10.58
C VAL B 49 2.82 14.44 -10.87
N GLU B 50 3.45 13.27 -10.86
CA GLU B 50 2.74 11.98 -11.06
C GLU B 50 2.40 11.34 -9.73
N HIS B 51 1.46 10.39 -9.77
CA HIS B 51 1.13 9.62 -8.57
C HIS B 51 0.82 8.16 -8.90
N SER B 52 1.02 7.35 -7.87
CA SER B 52 0.66 5.92 -7.85
C SER B 52 -0.87 5.73 -7.92
N ASP B 53 -1.25 4.49 -8.31
CA ASP B 53 -2.66 4.07 -8.28
C ASP B 53 -3.13 3.85 -6.85
N LEU B 54 -4.32 4.36 -6.56
CA LEU B 54 -4.88 4.27 -5.19
C LEU B 54 -4.94 2.82 -4.75
N SER B 55 -4.44 2.59 -3.56
CA SER B 55 -4.40 1.26 -2.93
C SER B 55 -4.49 1.50 -1.43
N PHE B 56 -4.52 0.41 -0.70
CA PHE B 56 -4.68 0.51 0.77
C PHE B 56 -4.00 -0.66 1.42
N SER B 57 -3.69 -0.46 2.71
CA SER B 57 -3.07 -1.45 3.62
C SER B 57 -4.09 -2.41 4.22
N LYS B 58 -3.64 -3.43 4.94
CA LYS B 58 -4.63 -4.45 5.39
C LYS B 58 -5.49 -3.92 6.55
N ASP B 59 -5.21 -2.77 7.15
CA ASP B 59 -6.12 -2.01 8.03
C ASP B 59 -7.09 -1.06 7.29
N TRP B 60 -7.17 -1.22 5.95
CA TRP B 60 -8.07 -0.49 5.02
C TRP B 60 -7.67 0.99 4.82
N SER B 61 -6.63 1.52 5.48
CA SER B 61 -6.24 2.92 5.25
C SER B 61 -5.53 3.00 3.90
N PHE B 62 -5.75 4.12 3.24
CA PHE B 62 -5.22 4.39 1.89
C PHE B 62 -3.76 4.83 1.92
N TYR B 63 -3.08 4.67 0.80
CA TYR B 63 -1.74 5.27 0.61
C TYR B 63 -1.57 5.64 -0.85
N LEU B 64 -0.79 6.71 -1.07
CA LEU B 64 -0.44 7.24 -2.41
C LEU B 64 0.99 7.76 -2.33
N LEU B 65 1.72 7.58 -3.42
CA LEU B 65 3.02 8.21 -3.63
C LEU B 65 2.86 9.25 -4.73
N TYR B 66 3.28 10.47 -4.43
CA TYR B 66 3.40 11.57 -5.42
C TYR B 66 4.88 11.83 -5.64
N TYR B 67 5.28 12.02 -6.88
CA TYR B 67 6.72 12.09 -7.22
C TYR B 67 6.94 12.97 -8.44
N THR B 68 8.14 13.50 -8.52
CA THR B 68 8.59 14.34 -9.66
C THR B 68 10.11 14.30 -9.73
N GLU B 69 10.65 14.42 -10.95
CA GLU B 69 12.10 14.63 -11.21
C GLU B 69 12.54 15.95 -10.55
N PHE B 70 13.75 15.98 -10.00
CA PHE B 70 14.32 17.18 -9.37
C PHE B 70 15.83 16.97 -9.29
N THR B 71 16.52 18.10 -9.25
CA THR B 71 17.98 18.22 -9.09
C THR B 71 18.17 19.12 -7.87
N PRO B 72 18.50 18.55 -6.68
CA PRO B 72 18.66 19.35 -5.48
C PRO B 72 19.87 20.26 -5.68
N THR B 73 19.84 21.39 -4.99
CA THR B 73 20.96 22.36 -4.91
C THR B 73 21.06 22.70 -3.43
N GLU B 74 22.05 23.49 -2.99
CA GLU B 74 22.18 23.95 -1.58
C GLU B 74 21.10 24.99 -1.30
N LYS B 75 20.61 25.65 -2.35
CA LYS B 75 19.83 26.91 -2.32
C LYS B 75 18.32 26.58 -2.31
N ASP B 76 17.89 25.51 -2.96
CA ASP B 76 16.46 25.28 -3.28
C ASP B 76 15.80 24.53 -2.12
N GLU B 77 14.64 25.01 -1.66
CA GLU B 77 13.80 24.38 -0.59
C GLU B 77 12.70 23.58 -1.28
N TYR B 78 12.50 22.34 -0.85
CA TYR B 78 11.36 21.52 -1.33
C TYR B 78 10.46 21.15 -0.18
N ALA B 79 9.18 20.99 -0.50
CA ALA B 79 8.16 20.60 0.50
C ALA B 79 6.99 19.87 -0.19
N CYS B 80 6.17 19.25 0.65
CA CYS B 80 4.91 18.60 0.29
C CYS B 80 3.79 19.37 0.99
N ARG B 81 2.71 19.70 0.29
CA ARG B 81 1.52 20.35 0.93
C ARG B 81 0.33 19.40 0.83
N VAL B 82 -0.31 19.08 1.95
CA VAL B 82 -1.38 18.03 1.95
C VAL B 82 -2.65 18.61 2.52
N ASN B 83 -3.76 18.37 1.85
CA ASN B 83 -5.08 18.71 2.41
C ASN B 83 -5.96 17.45 2.41
N HIS B 84 -6.79 17.35 3.43
CA HIS B 84 -7.66 16.18 3.70
C HIS B 84 -8.82 16.66 4.56
N VAL B 85 -9.92 15.93 4.56
CA VAL B 85 -11.13 16.36 5.34
C VAL B 85 -10.78 16.43 6.84
N THR B 86 -9.82 15.67 7.34
CA THR B 86 -9.41 15.66 8.76
C THR B 86 -8.61 16.92 9.15
N LEU B 87 -8.11 17.70 8.19
CA LEU B 87 -7.19 18.84 8.46
C LEU B 87 -7.95 20.17 8.34
N SER B 88 -7.82 21.05 9.33
CA SER B 88 -8.47 22.39 9.32
C SER B 88 -7.78 23.30 8.29
N GLN B 89 -6.47 23.14 8.08
CA GLN B 89 -5.74 23.83 6.99
C GLN B 89 -4.73 22.85 6.37
N PRO B 90 -4.18 23.17 5.20
CA PRO B 90 -3.11 22.35 4.62
C PRO B 90 -1.93 22.13 5.58
N LYS B 91 -1.38 20.92 5.56
CA LYS B 91 -0.16 20.54 6.31
C LYS B 91 1.01 20.61 5.34
N ILE B 92 2.06 21.32 5.74
CA ILE B 92 3.29 21.45 4.93
C ILE B 92 4.38 20.70 5.69
N VAL B 93 5.02 19.72 5.03
CA VAL B 93 6.21 19.00 5.54
C VAL B 93 7.37 19.36 4.62
N LYS B 94 8.43 19.89 5.21
CA LYS B 94 9.66 20.26 4.46
C LYS B 94 10.52 19.04 4.15
N TRP B 95 11.12 19.02 2.98
CA TRP B 95 12.16 18.04 2.61
C TRP B 95 13.38 18.29 3.49
N ASP B 96 13.78 17.30 4.28
CA ASP B 96 15.03 17.27 5.11
C ASP B 96 15.84 16.08 4.61
N ARG B 97 17.07 16.27 4.12
CA ARG B 97 17.77 15.18 3.40
C ARG B 97 18.14 14.05 4.37
N ASP B 98 18.00 14.25 5.68
CA ASP B 98 18.33 13.24 6.72
C ASP B 98 17.03 12.72 7.37
N MET B 99 15.93 12.61 6.61
CA MET B 99 14.63 12.05 7.08
C MET B 99 13.92 11.31 5.93
N ALA C 12 -10.83 -18.72 -16.02
CA ALA C 12 -9.34 -18.57 -16.02
C ALA C 12 -8.94 -17.10 -16.15
N PHE C 13 -9.62 -16.17 -15.47
CA PHE C 13 -9.26 -14.71 -15.43
C PHE C 13 -9.49 -14.16 -14.01
N ALA C 14 -9.26 -12.86 -13.76
CA ALA C 14 -9.46 -12.17 -12.45
C ALA C 14 -10.85 -12.46 -11.88
N GLY C 15 -11.14 -12.11 -10.62
CA GLY C 15 -12.31 -12.68 -9.89
C GLY C 15 -13.63 -11.96 -10.14
N LYS C 16 -14.70 -12.72 -10.43
CA LYS C 16 -16.11 -12.22 -10.39
C LYS C 16 -16.53 -11.83 -8.97
N LYS C 17 -17.16 -10.67 -8.81
CA LYS C 17 -17.72 -10.25 -7.50
C LYS C 17 -19.25 -10.46 -7.45
N TYR C 18 -19.79 -10.54 -6.23
CA TYR C 18 -21.24 -10.67 -5.96
C TYR C 18 -21.71 -9.45 -5.17
N CYS C 19 -22.92 -8.98 -5.43
CA CYS C 19 -23.51 -7.74 -4.82
C CYS C 19 -23.81 -8.02 -3.33
N LEU C 20 -23.32 -7.17 -2.43
CA LEU C 20 -23.53 -7.22 -0.97
C LEU C 20 -25.01 -6.98 -0.62
#